data_2W1V
#
_entry.id   2W1V
#
_cell.length_a   90.268
_cell.length_b   90.268
_cell.length_c   54.059
_cell.angle_alpha   90.00
_cell.angle_beta   90.00
_cell.angle_gamma   120.00
#
_symmetry.space_group_name_H-M   'P 32'
#
loop_
_entity.id
_entity.type
_entity.pdbx_description
1 polymer 'NITRILASE HOMOLOG 2'
2 water water
#
_entity_poly.entity_id   1
_entity_poly.type   'polypeptide(L)'
_entity_poly.pdbx_seq_one_letter_code
;MSTFRLALIQLQVSSIKSDNLTRACSLVREAAKQGANIVSLPECFNSPYGTTYFPDYAEKIPGESTQKLSEVAKESSIYL
IGGSIPEEDAGKLYNTCSVFGPDGSLLVKHRKIHLFDIDVPGKITFQESKTLSPGDSFSTFDTPYCKVGLGICYDMRFAE
LAQIYAQRGCQLLVYPGAFNLTTGPAHWELLQRARAVDNQVYVATASPARDDKASYVAWGHSTVVDPWGQVLTKAGTEET
ILYSDIDLKKLAEIRQQIPILKQKRADLYTVESKKP
;
_entity_poly.pdbx_strand_id   A,B
#
# COMPACT_ATOMS: atom_id res chain seq x y z
N MET A 1 -1.52 -13.42 -26.65
CA MET A 1 -2.26 -13.54 -25.35
C MET A 1 -1.56 -12.84 -24.19
N SER A 2 -0.44 -12.18 -24.46
CA SER A 2 0.36 -11.51 -23.42
C SER A 2 -0.04 -10.05 -23.22
N THR A 3 -0.71 -9.45 -24.20
CA THR A 3 -1.17 -8.08 -24.07
C THR A 3 -2.62 -8.00 -24.51
N PHE A 4 -3.41 -7.21 -23.77
CA PHE A 4 -4.78 -6.97 -24.14
C PHE A 4 -5.11 -5.51 -23.87
N ARG A 5 -6.22 -5.05 -24.43
CA ARG A 5 -6.61 -3.65 -24.32
C ARG A 5 -7.77 -3.54 -23.32
N LEU A 6 -7.55 -2.69 -22.32
CA LEU A 6 -8.54 -2.40 -21.29
C LEU A 6 -9.12 -1.02 -21.56
N ALA A 7 -10.44 -0.88 -21.48
CA ALA A 7 -11.09 0.42 -21.57
C ALA A 7 -11.91 0.70 -20.31
N LEU A 8 -11.78 1.90 -19.79
CA LEU A 8 -12.51 2.34 -18.60
C LEU A 8 -13.43 3.45 -19.05
N ILE A 9 -14.74 3.27 -18.84
CA ILE A 9 -15.73 4.24 -19.28
C ILE A 9 -16.05 5.18 -18.13
N GLN A 10 -15.54 6.39 -18.21
CA GLN A 10 -15.76 7.40 -17.19
C GLN A 10 -17.03 8.15 -17.55
N LEU A 11 -18.16 7.52 -17.21
CA LEU A 11 -19.50 7.94 -17.62
C LEU A 11 -20.00 9.11 -16.78
N GLN A 12 -20.63 10.08 -17.44
CA GLN A 12 -21.40 11.09 -16.73
C GLN A 12 -22.76 10.48 -16.39
N VAL A 13 -23.07 10.42 -15.10
CA VAL A 13 -24.28 9.76 -14.61
C VAL A 13 -25.38 10.78 -14.31
N SER A 14 -26.55 10.56 -14.89
CA SER A 14 -27.72 11.43 -14.66
C SER A 14 -28.74 10.77 -13.74
N SER A 15 -29.82 11.50 -13.47
CA SER A 15 -30.87 10.97 -12.61
C SER A 15 -31.83 10.04 -13.34
N ILE A 16 -31.73 9.95 -14.65
CA ILE A 16 -32.65 9.12 -15.45
C ILE A 16 -31.94 7.83 -15.85
N LYS A 17 -32.37 6.73 -15.24
CA LYS A 17 -31.72 5.44 -15.43
C LYS A 17 -31.59 5.07 -16.89
N SER A 18 -32.66 5.20 -17.66
CA SER A 18 -32.60 4.77 -19.05
C SER A 18 -31.61 5.59 -19.87
N ASP A 19 -31.42 6.85 -19.49
CA ASP A 19 -30.42 7.69 -20.11
C ASP A 19 -29.01 7.15 -19.85
N ASN A 20 -28.75 6.81 -18.61
CA ASN A 20 -27.47 6.22 -18.25
C ASN A 20 -27.22 4.92 -19.01
N LEU A 21 -28.25 4.08 -19.12
CA LEU A 21 -28.10 2.78 -19.77
C LEU A 21 -27.85 2.96 -21.26
N THR A 22 -28.60 3.86 -21.89
CA THR A 22 -28.41 4.14 -23.31
C THR A 22 -26.98 4.58 -23.60
N ARG A 23 -26.51 5.56 -22.84
CA ARG A 23 -25.18 6.12 -23.04
C ARG A 23 -24.08 5.14 -22.64
N ALA A 24 -24.29 4.39 -21.56
CA ALA A 24 -23.31 3.38 -21.13
C ALA A 24 -23.10 2.36 -22.26
N CYS A 25 -24.19 1.86 -22.82
CA CYS A 25 -24.11 0.82 -23.85
C CYS A 25 -23.48 1.35 -25.13
N SER A 26 -23.81 2.59 -25.52
CA SER A 26 -23.17 3.16 -26.70
C SER A 26 -21.67 3.37 -26.49
N LEU A 27 -21.24 3.75 -25.30
CA LEU A 27 -19.81 3.91 -25.01
C LEU A 27 -19.11 2.55 -24.96
N VAL A 28 -19.79 1.52 -24.48
CA VAL A 28 -19.20 0.16 -24.50
C VAL A 28 -18.94 -0.27 -25.94
N ARG A 29 -19.92 -0.03 -26.82
CA ARG A 29 -19.77 -0.36 -28.23
C ARG A 29 -18.59 0.37 -28.85
N GLU A 30 -18.40 1.63 -28.50
CA GLU A 30 -17.29 2.42 -29.02
C GLU A 30 -15.96 1.84 -28.54
N ALA A 31 -15.90 1.49 -27.27
CA ALA A 31 -14.68 0.92 -26.72
C ALA A 31 -14.30 -0.36 -27.46
N ALA A 32 -15.30 -1.20 -27.73
CA ALA A 32 -15.11 -2.45 -28.46
C ALA A 32 -14.64 -2.17 -29.89
N LYS A 33 -15.21 -1.13 -30.50
CA LYS A 33 -14.80 -0.71 -31.86
C LYS A 33 -13.33 -0.30 -31.91
N GLN A 34 -12.84 0.33 -30.85
CA GLN A 34 -11.44 0.75 -30.76
C GLN A 34 -10.54 -0.38 -30.24
N GLY A 35 -11.05 -1.60 -30.16
CA GLY A 35 -10.23 -2.79 -29.89
C GLY A 35 -10.15 -3.22 -28.44
N ALA A 36 -10.96 -2.65 -27.57
CA ALA A 36 -10.94 -3.07 -26.17
C ALA A 36 -11.37 -4.54 -26.07
N ASN A 37 -10.66 -5.29 -25.22
CA ASN A 37 -10.99 -6.68 -24.94
C ASN A 37 -11.73 -6.82 -23.62
N ILE A 38 -11.39 -5.96 -22.66
CA ILE A 38 -12.10 -5.86 -21.40
C ILE A 38 -12.50 -4.40 -21.23
N VAL A 39 -13.75 -4.18 -20.86
CA VAL A 39 -14.32 -2.83 -20.68
C VAL A 39 -14.92 -2.77 -19.27
N SER A 40 -14.67 -1.68 -18.55
CA SER A 40 -15.34 -1.45 -17.27
C SER A 40 -16.12 -0.15 -17.25
N LEU A 41 -17.35 -0.27 -16.78
CA LEU A 41 -18.16 0.88 -16.35
C LEU A 41 -17.81 1.21 -14.89
N PRO A 42 -18.25 2.40 -14.42
CA PRO A 42 -17.90 2.84 -13.08
C PRO A 42 -18.92 2.47 -11.99
N GLU A 43 -18.56 2.73 -10.74
CA GLU A 43 -19.48 2.51 -9.64
C GLU A 43 -20.80 3.26 -9.84
N CYS A 44 -21.89 2.59 -9.49
CA CYS A 44 -23.24 3.12 -9.54
C CYS A 44 -23.50 3.88 -10.85
N PHE A 45 -23.24 3.21 -11.96
CA PHE A 45 -23.22 3.89 -13.25
C PHE A 45 -24.61 4.20 -13.76
N ASN A 46 -25.63 3.51 -13.24
CA ASN A 46 -26.97 3.61 -13.80
C ASN A 46 -27.91 4.56 -13.08
N SER A 47 -27.43 5.18 -12.00
CA SER A 47 -28.30 5.96 -11.12
C SER A 47 -27.48 6.85 -10.18
N PRO A 48 -28.10 7.90 -9.61
CA PRO A 48 -27.34 8.73 -8.68
C PRO A 48 -26.93 7.99 -7.42
N TYR A 49 -25.73 8.28 -6.93
CA TYR A 49 -25.17 7.63 -5.75
C TYR A 49 -25.63 8.31 -4.47
N GLY A 50 -26.33 7.56 -3.62
CA GLY A 50 -26.82 8.07 -2.33
C GLY A 50 -27.84 7.14 -1.69
N THR A 51 -27.91 7.17 -0.36
CA THR A 51 -28.73 6.18 0.35
C THR A 51 -30.22 6.32 0.10
N THR A 52 -30.70 7.50 -0.27
CA THR A 52 -32.13 7.66 -0.56
C THR A 52 -32.45 7.35 -2.01
N TYR A 53 -31.40 7.15 -2.82
CA TYR A 53 -31.59 6.78 -4.21
C TYR A 53 -31.61 5.25 -4.39
N PHE A 54 -30.74 4.54 -3.68
CA PHE A 54 -30.59 3.11 -3.91
C PHE A 54 -31.91 2.34 -3.91
N PRO A 55 -32.79 2.56 -2.92
CA PRO A 55 -33.99 1.74 -2.88
C PRO A 55 -34.86 1.87 -4.12
N ASP A 56 -34.87 3.05 -4.72
CA ASP A 56 -35.79 3.34 -5.81
C ASP A 56 -35.20 3.02 -7.17
N TYR A 57 -33.88 3.03 -7.28
CA TYR A 57 -33.23 2.63 -8.51
C TYR A 57 -32.81 1.17 -8.54
N ALA A 58 -32.90 0.48 -7.40
CA ALA A 58 -32.48 -0.92 -7.29
C ALA A 58 -33.24 -1.81 -8.24
N GLU A 59 -32.55 -2.85 -8.72
CA GLU A 59 -33.13 -3.86 -9.60
C GLU A 59 -32.75 -5.21 -9.11
N LYS A 60 -33.54 -6.22 -9.46
CA LYS A 60 -33.08 -7.61 -9.32
C LYS A 60 -32.11 -7.90 -10.46
N ILE A 61 -31.29 -8.93 -10.27
CA ILE A 61 -30.37 -9.38 -11.30
C ILE A 61 -30.77 -10.81 -11.65
N PRO A 62 -31.24 -11.04 -12.88
CA PRO A 62 -31.37 -10.14 -14.01
C PRO A 62 -32.48 -9.10 -13.89
N GLY A 63 -32.23 -7.95 -14.50
CA GLY A 63 -33.21 -6.88 -14.59
C GLY A 63 -32.84 -5.98 -15.75
N GLU A 64 -33.51 -4.83 -15.81
CA GLU A 64 -33.37 -3.86 -16.92
C GLU A 64 -31.90 -3.61 -17.27
N SER A 65 -31.11 -3.28 -16.26
CA SER A 65 -29.75 -2.86 -16.49
C SER A 65 -28.83 -4.02 -16.89
N THR A 66 -28.94 -5.16 -16.21
CA THR A 66 -28.07 -6.29 -16.51
C THR A 66 -28.42 -6.94 -17.84
N GLN A 67 -29.70 -6.86 -18.25
CA GLN A 67 -30.09 -7.38 -19.56
C GLN A 67 -29.43 -6.56 -20.66
N LYS A 68 -29.38 -5.24 -20.49
CA LYS A 68 -28.66 -4.42 -21.46
C LYS A 68 -27.16 -4.69 -21.47
N LEU A 69 -26.56 -4.86 -20.30
CA LEU A 69 -25.13 -5.15 -20.24
C LEU A 69 -24.80 -6.48 -20.91
N SER A 70 -25.62 -7.49 -20.63
CA SER A 70 -25.45 -8.83 -21.20
C SER A 70 -25.49 -8.76 -22.72
N GLU A 71 -26.49 -8.07 -23.24
CA GLU A 71 -26.68 -7.94 -24.68
C GLU A 71 -25.51 -7.23 -25.34
N VAL A 72 -25.04 -6.14 -24.75
CA VAL A 72 -23.96 -5.39 -25.38
C VAL A 72 -22.62 -6.15 -25.32
N ALA A 73 -22.39 -6.89 -24.24
CA ALA A 73 -21.17 -7.71 -24.13
C ALA A 73 -21.14 -8.79 -25.21
N LYS A 74 -22.29 -9.39 -25.44
CA LYS A 74 -22.44 -10.46 -26.44
C LYS A 74 -22.26 -9.91 -27.85
N GLU A 75 -22.94 -8.82 -28.15
CA GLU A 75 -22.89 -8.21 -29.47
C GLU A 75 -21.52 -7.62 -29.81
N SER A 76 -20.78 -7.19 -28.78
CA SER A 76 -19.43 -6.65 -28.94
C SER A 76 -18.33 -7.70 -28.76
N SER A 77 -18.70 -8.91 -28.34
CA SER A 77 -17.75 -9.99 -28.03
C SER A 77 -16.60 -9.53 -27.12
N ILE A 78 -16.96 -8.93 -25.99
CA ILE A 78 -15.98 -8.47 -24.98
C ILE A 78 -16.30 -9.00 -23.60
N TYR A 79 -15.35 -8.84 -22.68
CA TYR A 79 -15.63 -8.95 -21.26
C TYR A 79 -16.03 -7.59 -20.75
N LEU A 80 -17.20 -7.52 -20.15
CA LEU A 80 -17.77 -6.27 -19.67
C LEU A 80 -17.97 -6.31 -18.16
N ILE A 81 -17.19 -5.48 -17.46
CA ILE A 81 -17.31 -5.31 -16.03
C ILE A 81 -18.36 -4.21 -15.84
N GLY A 82 -19.52 -4.60 -15.32
CA GLY A 82 -20.67 -3.73 -15.27
C GLY A 82 -20.69 -2.67 -14.18
N GLY A 83 -19.56 -2.03 -13.95
CA GLY A 83 -19.47 -1.01 -12.90
C GLY A 83 -20.08 -1.54 -11.63
N SER A 84 -21.00 -0.78 -11.03
CA SER A 84 -21.92 -1.35 -10.08
C SER A 84 -23.28 -0.71 -10.27
N ILE A 85 -24.30 -1.42 -9.78
CA ILE A 85 -25.66 -0.92 -9.68
C ILE A 85 -26.22 -1.32 -8.34
N PRO A 86 -27.24 -0.57 -7.86
CA PRO A 86 -27.97 -1.07 -6.68
C PRO A 86 -28.82 -2.30 -7.03
N GLU A 87 -28.63 -3.35 -6.26
CA GLU A 87 -29.28 -4.64 -6.48
C GLU A 87 -30.22 -4.94 -5.32
N GLU A 88 -31.45 -5.39 -5.64
CA GLU A 88 -32.37 -5.88 -4.61
C GLU A 88 -32.40 -7.39 -4.65
N ASP A 89 -32.37 -8.01 -3.47
CA ASP A 89 -32.49 -9.45 -3.34
C ASP A 89 -32.98 -9.78 -1.94
N ALA A 90 -34.14 -10.43 -1.87
CA ALA A 90 -34.69 -10.93 -0.62
C ALA A 90 -34.83 -9.86 0.46
N GLY A 91 -35.29 -8.68 0.06
CA GLY A 91 -35.56 -7.62 1.02
C GLY A 91 -34.32 -6.85 1.42
N LYS A 92 -33.18 -7.18 0.82
CA LYS A 92 -31.93 -6.46 1.08
C LYS A 92 -31.43 -5.80 -0.20
N LEU A 93 -30.62 -4.76 -0.02
CA LEU A 93 -30.03 -4.01 -1.13
C LEU A 93 -28.52 -4.17 -1.07
N TYR A 94 -27.91 -4.28 -2.25
CA TYR A 94 -26.47 -4.42 -2.37
C TYR A 94 -25.93 -3.46 -3.41
N ASN A 95 -24.62 -3.20 -3.34
CA ASN A 95 -23.89 -2.43 -4.36
C ASN A 95 -23.13 -3.46 -5.19
N THR A 96 -23.58 -3.73 -6.41
CA THR A 96 -23.21 -4.95 -7.13
C THR A 96 -22.60 -4.74 -8.52
N CYS A 97 -21.42 -5.34 -8.70
CA CYS A 97 -20.71 -5.36 -9.97
C CYS A 97 -20.95 -6.71 -10.64
N SER A 98 -21.65 -6.68 -11.77
CA SER A 98 -21.91 -7.88 -12.58
C SER A 98 -20.97 -7.87 -13.77
N VAL A 99 -20.37 -9.02 -14.07
CA VAL A 99 -19.43 -9.15 -15.17
C VAL A 99 -20.00 -10.13 -16.20
N PHE A 100 -19.99 -9.71 -17.47
CA PHE A 100 -20.53 -10.50 -18.58
C PHE A 100 -19.42 -10.80 -19.55
N GLY A 101 -19.42 -12.03 -20.06
CA GLY A 101 -18.41 -12.46 -21.02
C GLY A 101 -18.85 -12.19 -22.45
N PRO A 102 -17.96 -12.47 -23.42
CA PRO A 102 -18.21 -12.20 -24.83
C PRO A 102 -19.38 -12.96 -25.46
N ASP A 103 -19.95 -13.92 -24.73
CA ASP A 103 -21.15 -14.63 -25.15
C ASP A 103 -22.40 -14.11 -24.43
N GLY A 104 -22.24 -13.09 -23.59
CA GLY A 104 -23.37 -12.52 -22.83
C GLY A 104 -23.63 -13.16 -21.48
N SER A 105 -22.84 -14.18 -21.15
CA SER A 105 -22.99 -14.91 -19.92
C SER A 105 -22.51 -14.13 -18.70
N LEU A 106 -23.26 -14.18 -17.61
CA LEU A 106 -22.77 -13.70 -16.30
C LEU A 106 -21.64 -14.60 -15.82
N LEU A 107 -20.48 -13.99 -15.59
CA LEU A 107 -19.30 -14.71 -15.16
C LEU A 107 -19.17 -14.67 -13.64
N VAL A 108 -19.54 -13.55 -13.04
CA VAL A 108 -19.41 -13.36 -11.60
C VAL A 108 -20.18 -12.12 -11.21
N LYS A 109 -20.60 -12.08 -9.96
CA LYS A 109 -21.31 -10.94 -9.39
C LYS A 109 -20.59 -10.60 -8.08
N HIS A 110 -20.03 -9.39 -7.99
CA HIS A 110 -19.37 -8.92 -6.77
C HIS A 110 -20.24 -7.89 -6.04
N ARG A 111 -20.72 -8.28 -4.86
CA ARG A 111 -21.39 -7.35 -3.97
C ARG A 111 -20.32 -6.71 -3.08
N LYS A 112 -20.32 -5.39 -3.06
CA LYS A 112 -19.35 -4.62 -2.30
C LYS A 112 -19.22 -5.21 -0.91
N ILE A 113 -17.99 -5.53 -0.50
CA ILE A 113 -17.77 -6.25 0.77
C ILE A 113 -17.73 -5.28 1.95
N HIS A 114 -17.04 -4.16 1.76
CA HIS A 114 -16.84 -3.16 2.80
C HIS A 114 -17.63 -1.93 2.43
N LEU A 115 -18.71 -1.66 3.14
CA LEU A 115 -19.57 -0.54 2.80
C LEU A 115 -18.98 0.80 3.23
N PHE A 116 -19.35 1.82 2.47
CA PHE A 116 -18.76 3.15 2.57
C PHE A 116 -19.40 3.92 3.72
N ASP A 117 -18.80 3.74 4.90
CA ASP A 117 -19.26 4.37 6.14
C ASP A 117 -18.11 5.21 6.70
N ILE A 118 -18.13 6.51 6.42
CA ILE A 118 -17.09 7.45 6.90
C ILE A 118 -17.73 8.73 7.42
N ASP A 119 -16.94 9.47 8.20
CA ASP A 119 -17.36 10.78 8.70
C ASP A 119 -16.13 11.66 8.87
N VAL A 120 -15.89 12.49 7.86
CA VAL A 120 -14.81 13.47 7.91
C VAL A 120 -15.47 14.83 8.18
N PRO A 121 -15.28 15.38 9.40
CA PRO A 121 -15.95 16.61 9.82
C PRO A 121 -15.78 17.75 8.85
N GLY A 122 -16.90 18.31 8.42
CA GLY A 122 -16.91 19.47 7.54
C GLY A 122 -16.59 19.18 6.09
N LYS A 123 -16.50 17.90 5.74
CA LYS A 123 -16.04 17.47 4.41
C LYS A 123 -16.98 16.46 3.75
N ILE A 124 -17.20 15.34 4.42
CA ILE A 124 -18.02 14.26 3.84
C ILE A 124 -18.43 13.28 4.92
N THR A 125 -19.74 13.05 5.02
CA THR A 125 -20.30 12.03 5.87
C THR A 125 -21.16 11.15 4.99
N PHE A 126 -20.92 9.85 5.03
CA PHE A 126 -21.66 8.88 4.23
C PHE A 126 -21.83 7.62 5.04
N GLN A 127 -23.03 7.05 5.02
CA GLN A 127 -23.34 5.81 5.74
C GLN A 127 -24.06 4.85 4.80
N GLU A 128 -23.30 4.23 3.91
CA GLU A 128 -23.85 3.29 2.94
C GLU A 128 -24.61 2.13 3.59
N SER A 129 -24.15 1.70 4.77
CA SER A 129 -24.73 0.56 5.49
C SER A 129 -26.11 0.81 6.08
N LYS A 130 -26.60 2.04 6.01
CA LYS A 130 -27.92 2.32 6.54
C LYS A 130 -29.02 1.90 5.60
N THR A 131 -28.66 1.72 4.33
CA THR A 131 -29.57 1.19 3.33
C THR A 131 -29.06 -0.10 2.68
N LEU A 132 -27.75 -0.21 2.46
CA LEU A 132 -27.19 -1.38 1.82
C LEU A 132 -26.69 -2.40 2.83
N SER A 133 -26.57 -3.63 2.34
CA SER A 133 -26.01 -4.78 3.06
C SER A 133 -24.70 -5.16 2.37
N PRO A 134 -23.72 -5.67 3.14
CA PRO A 134 -22.45 -6.07 2.54
C PRO A 134 -22.44 -7.44 1.85
N GLY A 135 -21.55 -7.58 0.87
CA GLY A 135 -21.30 -8.85 0.20
C GLY A 135 -20.44 -9.76 1.05
N ASP A 136 -20.43 -11.05 0.73
CA ASP A 136 -19.66 -12.00 1.54
C ASP A 136 -18.84 -12.98 0.70
N SER A 137 -18.42 -12.55 -0.49
CA SER A 137 -17.63 -13.41 -1.34
C SER A 137 -16.56 -12.66 -2.13
N PHE A 138 -15.45 -13.36 -2.33
CA PHE A 138 -14.38 -12.92 -3.23
C PHE A 138 -14.85 -13.15 -4.65
N SER A 139 -14.45 -12.27 -5.57
CA SER A 139 -14.97 -12.30 -6.94
C SER A 139 -13.88 -12.19 -7.97
N THR A 140 -13.72 -13.24 -8.77
CA THR A 140 -12.77 -13.24 -9.86
C THR A 140 -13.47 -13.79 -11.10
N PHE A 141 -12.89 -13.50 -12.25
CA PHE A 141 -13.30 -14.14 -13.50
C PHE A 141 -12.08 -14.36 -14.37
N ASP A 142 -12.19 -15.33 -15.28
CA ASP A 142 -11.11 -15.68 -16.16
C ASP A 142 -11.33 -15.13 -17.57
N THR A 143 -10.24 -14.69 -18.19
CA THR A 143 -10.22 -14.31 -19.59
C THR A 143 -9.09 -15.12 -20.23
N PRO A 144 -8.96 -15.07 -21.56
CA PRO A 144 -7.82 -15.76 -22.21
C PRO A 144 -6.44 -15.19 -21.83
N TYR A 145 -6.41 -14.00 -21.25
CA TYR A 145 -5.14 -13.32 -20.96
C TYR A 145 -4.71 -13.59 -19.55
N CYS A 146 -5.66 -13.50 -18.62
CA CYS A 146 -5.36 -13.62 -17.20
C CYS A 146 -6.63 -13.66 -16.39
N LYS A 147 -6.47 -13.92 -15.11
CA LYS A 147 -7.56 -13.86 -14.14
C LYS A 147 -7.65 -12.43 -13.58
N VAL A 148 -8.89 -11.98 -13.41
CA VAL A 148 -9.18 -10.63 -12.94
C VAL A 148 -9.94 -10.69 -11.61
N GLY A 149 -9.53 -9.86 -10.65
CA GLY A 149 -10.23 -9.76 -9.38
C GLY A 149 -10.96 -8.43 -9.24
N LEU A 150 -12.03 -8.42 -8.44
CA LEU A 150 -12.93 -7.25 -8.35
C LEU A 150 -13.13 -6.74 -6.94
N GLY A 151 -13.16 -5.41 -6.81
CA GLY A 151 -13.65 -4.74 -5.63
C GLY A 151 -14.44 -3.53 -6.07
N ILE A 152 -15.25 -2.96 -5.16
CA ILE A 152 -15.92 -1.70 -5.44
C ILE A 152 -15.50 -0.65 -4.42
N CYS A 153 -14.98 0.45 -4.95
CA CYS A 153 -14.68 1.68 -4.22
C CYS A 153 -14.03 1.45 -2.86
N TYR A 154 -14.78 1.59 -1.76
CA TYR A 154 -14.23 1.45 -0.39
C TYR A 154 -13.48 0.13 -0.20
N ASP A 155 -13.85 -0.91 -0.95
CA ASP A 155 -13.09 -2.16 -0.93
C ASP A 155 -11.60 -1.97 -1.18
N MET A 156 -11.25 -0.93 -1.92
CA MET A 156 -9.86 -0.62 -2.24
C MET A 156 -9.05 -0.25 -0.99
N ARG A 157 -9.71 0.09 0.12
CA ARG A 157 -8.97 0.44 1.34
C ARG A 157 -8.50 -0.78 2.13
N PHE A 158 -8.88 -1.98 1.70
CA PHE A 158 -8.65 -3.20 2.47
C PHE A 158 -7.64 -4.07 1.73
N ALA A 159 -6.40 -3.99 2.20
CA ALA A 159 -5.27 -4.60 1.52
C ALA A 159 -5.48 -6.09 1.34
N GLU A 160 -6.13 -6.70 2.32
CA GLU A 160 -6.28 -8.16 2.36
C GLU A 160 -7.01 -8.70 1.13
N LEU A 161 -7.93 -7.91 0.58
CA LEU A 161 -8.71 -8.35 -0.55
C LEU A 161 -7.78 -8.57 -1.75
N ALA A 162 -6.90 -7.60 -1.99
CA ALA A 162 -5.94 -7.68 -3.09
C ALA A 162 -4.92 -8.78 -2.84
N GLN A 163 -4.53 -8.97 -1.58
CA GLN A 163 -3.59 -10.05 -1.24
C GLN A 163 -4.18 -11.43 -1.60
N ILE A 164 -5.45 -11.63 -1.29
CA ILE A 164 -6.11 -12.89 -1.59
C ILE A 164 -6.27 -13.05 -3.11
N TYR A 165 -6.66 -11.97 -3.79
CA TYR A 165 -6.75 -12.06 -5.25
C TYR A 165 -5.41 -12.41 -5.92
N ALA A 166 -4.32 -11.83 -5.42
CA ALA A 166 -2.99 -12.14 -5.97
C ALA A 166 -2.62 -13.59 -5.69
N GLN A 167 -2.94 -14.08 -4.49
CA GLN A 167 -2.69 -15.49 -4.12
C GLN A 167 -3.40 -16.43 -5.09
N ARG A 168 -4.60 -16.02 -5.51
CA ARG A 168 -5.45 -16.83 -6.36
C ARG A 168 -5.12 -16.68 -7.84
N GLY A 169 -4.08 -15.92 -8.16
CA GLY A 169 -3.56 -15.85 -9.51
C GLY A 169 -4.03 -14.67 -10.34
N CYS A 170 -4.72 -13.72 -9.71
CA CYS A 170 -5.17 -12.55 -10.46
C CYS A 170 -3.99 -11.71 -10.91
N GLN A 171 -4.03 -11.22 -12.14
CA GLN A 171 -2.99 -10.31 -12.64
C GLN A 171 -3.49 -8.90 -12.92
N LEU A 172 -4.81 -8.72 -12.91
CA LEU A 172 -5.44 -7.41 -12.99
C LEU A 172 -6.52 -7.35 -11.91
N LEU A 173 -6.55 -6.25 -11.16
CA LEU A 173 -7.64 -5.94 -10.23
C LEU A 173 -8.35 -4.70 -10.77
N VAL A 174 -9.68 -4.78 -10.85
CA VAL A 174 -10.49 -3.64 -11.27
C VAL A 174 -11.40 -3.24 -10.11
N TYR A 175 -11.36 -1.94 -9.78
CA TYR A 175 -12.21 -1.34 -8.76
C TYR A 175 -13.04 -0.20 -9.36
N PRO A 176 -14.27 -0.51 -9.80
CA PRO A 176 -15.21 0.58 -10.07
C PRO A 176 -15.41 1.37 -8.79
N GLY A 177 -15.38 2.69 -8.87
CA GLY A 177 -15.51 3.49 -7.67
C GLY A 177 -15.46 4.97 -7.91
N ALA A 178 -16.02 5.73 -6.97
CA ALA A 178 -15.98 7.18 -6.99
C ALA A 178 -15.51 7.65 -5.63
N PHE A 179 -14.28 8.14 -5.55
CA PHE A 179 -13.86 8.93 -4.39
C PHE A 179 -14.45 10.34 -4.55
N ASN A 180 -14.12 11.23 -3.63
CA ASN A 180 -14.73 12.55 -3.63
C ASN A 180 -13.64 13.60 -3.55
N LEU A 181 -14.02 14.86 -3.40
CA LEU A 181 -13.05 15.96 -3.40
C LEU A 181 -12.14 15.98 -2.17
N THR A 182 -12.50 15.23 -1.14
CA THR A 182 -11.65 15.09 0.05
C THR A 182 -10.76 13.85 -0.02
N THR A 183 -11.38 12.70 -0.21
CA THR A 183 -10.61 11.45 -0.26
C THR A 183 -9.84 11.27 -1.58
N GLY A 184 -10.29 11.94 -2.64
CA GLY A 184 -9.65 11.81 -3.94
C GLY A 184 -8.20 12.25 -3.93
N PRO A 185 -7.94 13.54 -3.62
CA PRO A 185 -6.53 13.99 -3.63
C PRO A 185 -5.66 13.27 -2.61
N ALA A 186 -6.23 12.92 -1.47
CA ALA A 186 -5.48 12.27 -0.39
C ALA A 186 -5.11 10.83 -0.73
N HIS A 187 -6.07 10.06 -1.23
CA HIS A 187 -5.99 8.60 -1.19
C HIS A 187 -6.23 7.85 -2.48
N TRP A 188 -6.92 8.42 -3.46
CA TRP A 188 -7.31 7.66 -4.64
C TRP A 188 -6.14 7.03 -5.37
N GLU A 189 -5.16 7.84 -5.73
CA GLU A 189 -4.00 7.31 -6.47
C GLU A 189 -3.12 6.46 -5.57
N LEU A 190 -2.88 6.92 -4.35
CA LEU A 190 -2.04 6.17 -3.40
C LEU A 190 -2.52 4.75 -3.22
N LEU A 191 -3.81 4.56 -3.00
CA LEU A 191 -4.35 3.24 -2.71
C LEU A 191 -4.18 2.30 -3.88
N GLN A 192 -4.51 2.75 -5.09
N GLN A 192 -4.51 2.79 -5.07
CA GLN A 192 -4.37 1.86 -6.24
CA GLN A 192 -4.35 1.99 -6.29
C GLN A 192 -2.89 1.58 -6.59
C GLN A 192 -2.90 1.56 -6.45
N ARG A 193 -2.00 2.52 -6.33
CA ARG A 193 -0.57 2.26 -6.49
C ARG A 193 -0.07 1.24 -5.46
N ALA A 194 -0.56 1.34 -4.23
CA ALA A 194 -0.22 0.39 -3.17
C ALA A 194 -0.65 -1.01 -3.54
N ARG A 195 -1.90 -1.16 -3.99
CA ARG A 195 -2.41 -2.48 -4.34
C ARG A 195 -1.57 -3.09 -5.47
N ALA A 196 -1.20 -2.27 -6.43
CA ALA A 196 -0.41 -2.71 -7.58
C ALA A 196 0.99 -3.17 -7.18
N VAL A 197 1.69 -2.31 -6.44
CA VAL A 197 3.11 -2.57 -6.14
C VAL A 197 3.27 -3.71 -5.14
N ASP A 198 2.36 -3.78 -4.15
CA ASP A 198 2.49 -4.74 -3.04
C ASP A 198 2.20 -6.15 -3.51
N ASN A 199 1.29 -6.28 -4.48
CA ASN A 199 0.86 -7.56 -4.98
C ASN A 199 1.37 -7.86 -6.40
N GLN A 200 2.10 -6.91 -6.98
CA GLN A 200 2.66 -7.05 -8.33
C GLN A 200 1.63 -7.41 -9.38
N VAL A 201 0.59 -6.59 -9.42
CA VAL A 201 -0.53 -6.74 -10.33
C VAL A 201 -0.82 -5.38 -10.97
N TYR A 202 -1.49 -5.43 -12.13
CA TYR A 202 -2.11 -4.23 -12.67
C TYR A 202 -3.37 -3.90 -11.86
N VAL A 203 -3.60 -2.61 -11.66
CA VAL A 203 -4.80 -2.14 -10.97
C VAL A 203 -5.46 -1.05 -11.81
N ALA A 204 -6.77 -1.14 -11.96
CA ALA A 204 -7.53 -0.13 -12.69
C ALA A 204 -8.71 0.32 -11.85
N THR A 205 -8.99 1.62 -11.93
CA THR A 205 -10.18 2.19 -11.30
C THR A 205 -11.06 2.83 -12.34
N ALA A 206 -12.36 2.59 -12.24
CA ALA A 206 -13.35 3.17 -13.13
C ALA A 206 -14.28 4.07 -12.31
N SER A 207 -14.11 5.37 -12.47
CA SER A 207 -14.93 6.37 -11.78
C SER A 207 -15.92 7.00 -12.75
N PRO A 208 -17.09 7.43 -12.23
CA PRO A 208 -17.91 8.30 -13.05
C PRO A 208 -17.18 9.63 -13.26
N ALA A 209 -17.62 10.36 -14.26
CA ALA A 209 -17.18 11.73 -14.47
C ALA A 209 -17.71 12.59 -13.31
N ARG A 210 -17.02 13.68 -13.05
CA ARG A 210 -17.44 14.61 -12.01
C ARG A 210 -18.68 15.39 -12.44
N ASP A 211 -19.66 15.46 -11.54
CA ASP A 211 -20.79 16.37 -11.71
C ASP A 211 -20.85 17.17 -10.42
N ASP A 212 -20.48 18.45 -10.51
CA ASP A 212 -20.43 19.35 -9.36
C ASP A 212 -21.78 19.62 -8.71
N LYS A 213 -22.87 19.29 -9.39
CA LYS A 213 -24.22 19.50 -8.86
C LYS A 213 -24.78 18.24 -8.18
N ALA A 214 -24.10 17.10 -8.30
CA ALA A 214 -24.58 15.85 -7.70
C ALA A 214 -24.47 15.96 -6.19
N SER A 215 -25.27 15.16 -5.47
CA SER A 215 -25.14 15.14 -4.01
C SER A 215 -23.77 14.59 -3.56
N TYR A 216 -23.24 13.62 -4.29
CA TYR A 216 -21.90 13.09 -4.06
C TYR A 216 -21.08 13.46 -5.28
N VAL A 217 -20.06 14.29 -5.08
CA VAL A 217 -19.28 14.83 -6.19
C VAL A 217 -18.06 13.94 -6.43
N ALA A 218 -18.07 13.23 -7.55
CA ALA A 218 -17.01 12.25 -7.86
C ALA A 218 -15.68 12.92 -8.18
N TRP A 219 -14.61 12.35 -7.65
CA TRP A 219 -13.24 12.78 -7.94
C TRP A 219 -12.93 12.67 -9.44
N GLY A 220 -13.34 11.57 -10.06
CA GLY A 220 -12.96 11.28 -11.43
C GLY A 220 -11.62 10.58 -11.47
N HIS A 221 -10.87 10.87 -12.52
CA HIS A 221 -9.48 10.43 -12.62
C HIS A 221 -9.35 8.90 -12.61
N SER A 222 -10.19 8.23 -13.38
CA SER A 222 -10.00 6.81 -13.65
C SER A 222 -8.53 6.60 -14.03
N THR A 223 -7.93 5.54 -13.51
CA THR A 223 -6.47 5.36 -13.58
C THR A 223 -6.15 3.88 -13.81
N VAL A 224 -5.02 3.63 -14.49
CA VAL A 224 -4.41 2.28 -14.57
C VAL A 224 -2.99 2.39 -14.04
N VAL A 225 -2.63 1.44 -13.17
CA VAL A 225 -1.31 1.35 -12.53
C VAL A 225 -0.72 -0.01 -12.84
N ASP A 226 0.59 -0.01 -13.10
CA ASP A 226 1.30 -1.26 -13.41
C ASP A 226 1.92 -1.89 -12.16
N PRO A 227 2.43 -3.13 -12.28
CA PRO A 227 3.00 -3.81 -11.11
C PRO A 227 4.23 -3.17 -10.45
N TRP A 228 4.81 -2.17 -11.11
CA TRP A 228 5.93 -1.39 -10.57
C TRP A 228 5.39 -0.23 -9.73
N GLY A 229 4.05 -0.11 -9.68
CA GLY A 229 3.43 1.03 -9.01
C GLY A 229 3.38 2.29 -9.86
N GLN A 230 3.70 2.20 -11.16
CA GLN A 230 3.69 3.35 -12.04
C GLN A 230 2.31 3.57 -12.65
N VAL A 231 1.83 4.81 -12.58
CA VAL A 231 0.63 5.20 -13.30
C VAL A 231 0.88 5.10 -14.80
N LEU A 232 0.08 4.29 -15.48
CA LEU A 232 0.21 4.10 -16.93
C LEU A 232 -0.59 5.13 -17.70
N THR A 233 -1.78 5.42 -17.18
CA THR A 233 -2.63 6.46 -17.75
C THR A 233 -3.68 6.87 -16.72
N LYS A 234 -4.18 8.09 -16.89
CA LYS A 234 -5.07 8.68 -15.90
C LYS A 234 -5.96 9.68 -16.63
N ALA A 235 -7.26 9.55 -16.41
CA ALA A 235 -8.24 10.48 -16.95
C ALA A 235 -8.23 11.80 -16.20
N GLY A 236 -8.93 12.77 -16.76
CA GLY A 236 -9.28 13.99 -16.04
C GLY A 236 -10.57 13.81 -15.25
N THR A 237 -11.34 14.89 -15.09
CA THR A 237 -12.64 14.85 -14.39
C THR A 237 -13.83 14.66 -15.32
N GLU A 238 -13.63 14.90 -16.62
CA GLU A 238 -14.73 14.89 -17.60
C GLU A 238 -15.04 13.48 -18.11
N GLU A 239 -16.16 13.33 -18.80
CA GLU A 239 -16.52 12.08 -19.42
C GLU A 239 -15.50 11.73 -20.49
N THR A 240 -15.07 10.48 -20.48
CA THR A 240 -14.13 9.97 -21.48
C THR A 240 -14.12 8.45 -21.43
N ILE A 241 -13.48 7.86 -22.44
CA ILE A 241 -13.08 6.47 -22.39
C ILE A 241 -11.56 6.45 -22.33
N LEU A 242 -11.04 5.79 -21.29
CA LEU A 242 -9.61 5.69 -21.05
C LEU A 242 -9.15 4.31 -21.49
N TYR A 243 -8.13 4.27 -22.36
CA TYR A 243 -7.61 3.02 -22.87
C TYR A 243 -6.21 2.76 -22.36
N SER A 244 -5.93 1.50 -22.07
CA SER A 244 -4.56 1.08 -21.75
C SER A 244 -4.31 -0.32 -22.28
N ASP A 245 -3.13 -0.52 -22.86
N ASP A 245 -3.17 -0.50 -22.94
CA ASP A 245 -2.72 -1.85 -23.32
CA ASP A 245 -2.75 -1.84 -23.29
C ASP A 245 -1.90 -2.57 -22.26
C ASP A 245 -2.04 -2.40 -22.07
N ILE A 246 -2.52 -3.54 -21.60
CA ILE A 246 -2.00 -4.19 -20.42
C ILE A 246 -1.00 -5.26 -20.83
N ASP A 247 0.27 -5.06 -20.46
CA ASP A 247 1.39 -5.88 -20.92
C ASP A 247 1.76 -6.89 -19.84
N LEU A 248 1.31 -8.12 -20.01
CA LEU A 248 1.50 -9.14 -18.98
C LEU A 248 2.92 -9.70 -18.98
N LYS A 249 3.64 -9.54 -20.10
CA LYS A 249 5.07 -9.84 -20.12
C LYS A 249 5.84 -8.93 -19.17
N LYS A 250 5.46 -7.64 -19.14
CA LYS A 250 6.09 -6.69 -18.21
C LYS A 250 5.85 -7.09 -16.75
N LEU A 251 4.64 -7.54 -16.46
CA LEU A 251 4.31 -8.03 -15.14
C LEU A 251 5.22 -9.19 -14.77
N ALA A 252 5.38 -10.14 -15.68
CA ALA A 252 6.23 -11.31 -15.42
C ALA A 252 7.66 -10.89 -15.12
N GLU A 253 8.16 -9.91 -15.87
CA GLU A 253 9.53 -9.44 -15.69
C GLU A 253 9.68 -8.75 -14.34
N ILE A 254 8.73 -7.90 -13.97
CA ILE A 254 8.79 -7.24 -12.66
C ILE A 254 8.82 -8.26 -11.51
N ARG A 255 8.01 -9.31 -11.64
CA ARG A 255 7.91 -10.36 -10.62
C ARG A 255 9.20 -11.17 -10.51
N GLN A 256 10.04 -11.13 -11.54
CA GLN A 256 11.37 -11.73 -11.47
C GLN A 256 12.44 -10.79 -10.92
N GLN A 257 12.35 -9.51 -11.25
CA GLN A 257 13.33 -8.51 -10.85
C GLN A 257 13.30 -8.23 -9.35
N ILE A 258 12.10 -8.05 -8.80
CA ILE A 258 11.93 -7.78 -7.37
C ILE A 258 10.91 -8.81 -6.91
N PRO A 259 11.39 -10.01 -6.63
CA PRO A 259 10.49 -11.17 -6.55
C PRO A 259 9.80 -11.39 -5.21
N ILE A 260 9.11 -10.35 -4.76
CA ILE A 260 8.51 -10.36 -3.43
C ILE A 260 7.45 -11.42 -3.22
N LEU A 261 6.73 -11.79 -4.27
CA LEU A 261 5.72 -12.84 -4.12
C LEU A 261 6.36 -14.21 -3.83
N LYS A 262 7.61 -14.42 -4.27
CA LYS A 262 8.32 -15.67 -3.96
C LYS A 262 9.16 -15.58 -2.68
N GLN A 263 9.19 -14.42 -2.07
CA GLN A 263 10.01 -14.17 -0.87
C GLN A 263 9.18 -14.03 0.40
N LYS A 264 7.88 -14.27 0.32
CA LYS A 264 7.02 -14.24 1.51
C LYS A 264 7.47 -15.28 2.52
N ARG A 265 7.37 -14.93 3.80
CA ARG A 265 7.75 -15.81 4.87
C ARG A 265 6.54 -16.49 5.48
N ALA A 266 6.12 -17.59 4.84
CA ALA A 266 4.93 -18.34 5.26
C ALA A 266 5.06 -19.01 6.64
N ASP A 267 6.30 -19.15 7.11
CA ASP A 267 6.54 -19.60 8.48
C ASP A 267 6.25 -18.55 9.53
N LEU A 268 6.15 -17.29 9.12
CA LEU A 268 5.89 -16.20 10.04
C LEU A 268 4.48 -15.62 9.91
N TYR A 269 3.96 -15.55 8.70
CA TYR A 269 2.66 -14.92 8.47
C TYR A 269 1.96 -15.52 7.27
N THR A 270 0.65 -15.42 7.25
CA THR A 270 -0.13 -15.79 6.08
C THR A 270 -1.41 -14.97 6.06
N VAL A 271 -1.91 -14.69 4.87
CA VAL A 271 -3.21 -14.09 4.71
C VAL A 271 -4.18 -15.21 4.35
N GLU A 272 -5.09 -15.47 5.25
CA GLU A 272 -5.99 -16.61 5.15
C GLU A 272 -7.35 -16.14 4.69
N SER A 273 -7.94 -16.88 3.75
CA SER A 273 -9.28 -16.59 3.26
C SER A 273 -10.22 -17.68 3.75
N LYS A 274 -11.43 -17.27 4.11
CA LYS A 274 -12.42 -18.20 4.68
C LYS A 274 -13.61 -18.26 3.74
N MET B 1 0.81 12.58 27.23
CA MET B 1 1.82 11.89 26.37
C MET B 1 1.23 11.46 25.04
N SER B 2 0.50 12.37 24.40
CA SER B 2 -0.14 12.12 23.11
C SER B 2 0.70 12.64 21.95
N THR B 3 1.74 13.42 22.25
CA THR B 3 2.68 13.86 21.22
C THR B 3 4.11 13.66 21.70
N PHE B 4 4.96 13.18 20.81
CA PHE B 4 6.37 13.03 21.12
C PHE B 4 7.18 13.44 19.90
N ARG B 5 8.48 13.61 20.12
CA ARG B 5 9.37 14.13 19.11
C ARG B 5 10.25 12.97 18.63
N LEU B 6 10.18 12.71 17.32
CA LEU B 6 10.99 11.70 16.65
C LEU B 6 12.11 12.38 15.87
N ALA B 7 13.33 11.86 16.00
CA ALA B 7 14.46 12.33 15.19
C ALA B 7 15.04 11.17 14.37
N LEU B 8 15.32 11.45 13.11
CA LEU B 8 15.90 10.46 12.19
C LEU B 8 17.25 11.01 11.79
N ILE B 9 18.30 10.24 12.10
CA ILE B 9 19.66 10.67 11.81
C ILE B 9 20.07 10.14 10.45
N GLN B 10 20.14 11.03 9.47
CA GLN B 10 20.52 10.66 8.13
C GLN B 10 22.04 10.82 8.02
N LEU B 11 22.72 9.80 8.51
CA LEU B 11 24.17 9.80 8.73
C LEU B 11 24.91 9.54 7.43
N GLN B 12 25.99 10.27 7.19
CA GLN B 12 26.92 9.92 6.12
C GLN B 12 27.83 8.82 6.67
N VAL B 13 27.83 7.66 6.00
CA VAL B 13 28.57 6.48 6.44
C VAL B 13 29.90 6.34 5.69
N SER B 14 30.99 6.19 6.46
CA SER B 14 32.33 6.00 5.90
C SER B 14 32.80 4.55 6.05
N SER B 15 33.99 4.27 5.53
CA SER B 15 34.55 2.93 5.64
C SER B 15 35.19 2.66 7.00
N ILE B 16 35.32 3.66 7.85
CA ILE B 16 35.97 3.49 9.14
C ILE B 16 34.90 3.41 10.22
N LYS B 17 34.70 2.23 10.76
CA LYS B 17 33.64 1.98 11.74
C LYS B 17 33.69 2.96 12.90
N SER B 18 34.86 3.16 13.49
CA SER B 18 34.94 4.03 14.66
C SER B 18 34.53 5.48 14.35
N ASP B 19 34.77 5.90 13.12
CA ASP B 19 34.35 7.21 12.66
C ASP B 19 32.82 7.31 12.61
N ASN B 20 32.19 6.28 12.06
CA ASN B 20 30.73 6.22 12.04
C ASN B 20 30.14 6.24 13.45
N LEU B 21 30.76 5.48 14.35
CA LEU B 21 30.25 5.37 15.73
C LEU B 21 30.41 6.69 16.44
N THR B 22 31.55 7.35 16.26
CA THR B 22 31.80 8.64 16.88
C THR B 22 30.74 9.66 16.45
N ARG B 23 30.54 9.75 15.14
CA ARG B 23 29.63 10.73 14.58
C ARG B 23 28.16 10.37 14.85
N ALA B 24 27.84 9.09 14.79
CA ALA B 24 26.49 8.64 15.13
C ALA B 24 26.12 9.08 16.55
N CYS B 25 27.02 8.81 17.49
CA CYS B 25 26.72 9.10 18.91
C CYS B 25 26.63 10.60 19.16
N SER B 26 27.47 11.41 18.51
CA SER B 26 27.38 12.87 18.68
C SER B 26 26.06 13.39 18.10
N LEU B 27 25.61 12.85 16.96
CA LEU B 27 24.33 13.27 16.37
C LEU B 27 23.15 12.83 17.24
N VAL B 28 23.25 11.66 17.88
CA VAL B 28 22.22 11.23 18.80
C VAL B 28 22.10 12.22 19.97
N ARG B 29 23.24 12.63 20.53
CA ARG B 29 23.24 13.58 21.63
C ARG B 29 22.60 14.90 21.20
N GLU B 30 22.89 15.33 19.98
CA GLU B 30 22.32 16.56 19.45
C GLU B 30 20.80 16.43 19.34
N ALA B 31 20.34 15.29 18.85
CA ALA B 31 18.91 15.08 18.69
C ALA B 31 18.21 15.15 20.05
N ALA B 32 18.82 14.52 21.05
CA ALA B 32 18.27 14.53 22.41
C ALA B 32 18.26 15.96 22.96
N LYS B 33 19.33 16.72 22.70
CA LYS B 33 19.40 18.12 23.12
C LYS B 33 18.26 18.96 22.54
N GLN B 34 17.86 18.65 21.30
CA GLN B 34 16.77 19.36 20.65
C GLN B 34 15.40 18.75 20.99
N GLY B 35 15.37 17.86 21.98
CA GLY B 35 14.11 17.40 22.54
C GLY B 35 13.55 16.11 21.97
N ALA B 36 14.32 15.41 21.16
CA ALA B 36 13.85 14.13 20.63
C ALA B 36 13.64 13.13 21.77
N ASN B 37 12.54 12.39 21.69
CA ASN B 37 12.22 11.35 22.65
C ASN B 37 12.56 9.97 22.10
N ILE B 38 12.41 9.82 20.79
CA ILE B 38 12.81 8.61 20.10
C ILE B 38 13.73 9.06 18.97
N VAL B 39 14.87 8.39 18.84
CA VAL B 39 15.86 8.71 17.80
C VAL B 39 16.16 7.44 17.02
N SER B 40 16.22 7.54 15.68
CA SER B 40 16.65 6.40 14.86
C SER B 40 17.85 6.74 14.00
N LEU B 41 18.82 5.84 14.04
CA LEU B 41 19.91 5.77 13.06
C LEU B 41 19.43 4.95 11.85
N PRO B 42 20.20 5.01 10.74
CA PRO B 42 19.79 4.34 9.52
C PRO B 42 20.34 2.93 9.34
N GLU B 43 19.89 2.25 8.29
CA GLU B 43 20.40 0.91 7.99
C GLU B 43 21.91 0.92 7.80
N CYS B 44 22.55 -0.11 8.34
CA CYS B 44 23.99 -0.33 8.22
C CYS B 44 24.77 0.95 8.48
N PHE B 45 24.49 1.58 9.62
CA PHE B 45 25.02 2.91 9.88
C PHE B 45 26.49 2.90 10.25
N ASN B 46 27.02 1.76 10.67
CA ASN B 46 28.38 1.71 11.21
C ASN B 46 29.44 1.25 10.22
N SER B 47 29.03 0.91 9.00
CA SER B 47 29.95 0.30 8.04
C SER B 47 29.39 0.35 6.63
N PRO B 48 30.24 0.19 5.61
CA PRO B 48 29.71 0.20 4.24
C PRO B 48 28.80 -0.98 3.95
N TYR B 49 27.75 -0.72 3.19
CA TYR B 49 26.74 -1.73 2.86
C TYR B 49 27.15 -2.54 1.64
N GLY B 50 27.32 -3.85 1.83
CA GLY B 50 27.70 -4.76 0.75
C GLY B 50 28.11 -6.12 1.25
N THR B 51 27.93 -7.15 0.44
CA THR B 51 28.12 -8.52 0.93
C THR B 51 29.56 -8.89 1.28
N THR B 52 30.54 -8.18 0.71
CA THR B 52 31.94 -8.44 1.04
C THR B 52 32.41 -7.62 2.24
N TYR B 53 31.55 -6.69 2.67
CA TYR B 53 31.85 -5.89 3.85
C TYR B 53 31.28 -6.53 5.12
N PHE B 54 30.07 -7.06 5.05
CA PHE B 54 29.41 -7.58 6.26
C PHE B 54 30.28 -8.48 7.10
N PRO B 55 30.95 -9.48 6.49
CA PRO B 55 31.69 -10.39 7.34
C PRO B 55 32.79 -9.72 8.17
N ASP B 56 33.38 -8.66 7.64
CA ASP B 56 34.54 -8.03 8.26
C ASP B 56 34.18 -6.94 9.24
N TYR B 57 33.02 -6.31 9.04
CA TYR B 57 32.54 -5.32 9.99
C TYR B 57 31.56 -5.88 11.02
N ALA B 58 31.13 -7.11 10.85
CA ALA B 58 30.19 -7.75 11.78
C ALA B 58 30.73 -7.80 13.20
N GLU B 59 29.80 -7.69 14.16
CA GLU B 59 30.08 -7.77 15.59
C GLU B 59 29.08 -8.68 16.25
N LYS B 60 29.47 -9.25 17.39
CA LYS B 60 28.47 -9.86 18.27
C LYS B 60 27.71 -8.75 19.00
N ILE B 61 26.53 -9.09 19.50
CA ILE B 61 25.72 -8.18 20.30
C ILE B 61 25.58 -8.80 21.70
N PRO B 62 26.17 -8.16 22.72
CA PRO B 62 26.88 -6.89 22.73
C PRO B 62 28.25 -6.88 22.10
N GLY B 63 28.60 -5.73 21.55
CA GLY B 63 29.92 -5.50 21.00
C GLY B 63 30.20 -4.01 20.92
N GLU B 64 31.23 -3.66 20.17
CA GLU B 64 31.74 -2.27 20.12
C GLU B 64 30.61 -1.28 19.84
N SER B 65 29.84 -1.55 18.79
CA SER B 65 28.81 -0.64 18.34
C SER B 65 27.64 -0.56 19.29
N THR B 66 27.14 -1.72 19.75
CA THR B 66 25.98 -1.71 20.64
C THR B 66 26.31 -1.15 22.03
N GLN B 67 27.55 -1.30 22.46
CA GLN B 67 27.97 -0.71 23.73
C GLN B 67 27.92 0.81 23.66
N LYS B 68 28.39 1.37 22.55
CA LYS B 68 28.29 2.80 22.34
C LYS B 68 26.82 3.27 22.28
N LEU B 69 25.97 2.55 21.56
CA LEU B 69 24.55 2.92 21.47
C LEU B 69 23.87 2.87 22.83
N SER B 70 24.14 1.80 23.59
CA SER B 70 23.58 1.64 24.93
C SER B 70 23.94 2.83 25.80
N GLU B 71 25.22 3.19 25.79
CA GLU B 71 25.76 4.29 26.61
C GLU B 71 25.09 5.61 26.27
N VAL B 72 24.95 5.90 24.97
CA VAL B 72 24.43 7.19 24.57
C VAL B 72 22.92 7.29 24.81
N ALA B 73 22.19 6.18 24.69
CA ALA B 73 20.76 6.14 25.02
C ALA B 73 20.53 6.41 26.51
N LYS B 74 21.38 5.80 27.33
CA LYS B 74 21.43 6.00 28.80
C LYS B 74 21.64 7.46 29.17
N GLU B 75 22.73 8.01 28.66
CA GLU B 75 23.16 9.35 29.03
C GLU B 75 22.23 10.44 28.51
N SER B 76 21.56 10.16 27.39
CA SER B 76 20.60 11.08 26.79
C SER B 76 19.16 10.85 27.25
N SER B 77 18.93 9.75 27.97
CA SER B 77 17.60 9.39 28.46
C SER B 77 16.55 9.33 27.34
N ILE B 78 16.88 8.63 26.25
CA ILE B 78 15.98 8.48 25.09
C ILE B 78 15.79 7.03 24.69
N TYR B 79 14.81 6.78 23.82
CA TYR B 79 14.71 5.52 23.09
C TYR B 79 15.51 5.65 21.81
N LEU B 80 16.48 4.76 21.63
CA LEU B 80 17.40 4.82 20.50
C LEU B 80 17.24 3.57 19.67
N ILE B 81 16.74 3.77 18.46
CA ILE B 81 16.65 2.72 17.46
C ILE B 81 17.98 2.71 16.70
N GLY B 82 18.75 1.66 16.92
CA GLY B 82 20.12 1.60 16.43
C GLY B 82 20.34 1.32 14.96
N GLY B 83 19.53 1.90 14.09
CA GLY B 83 19.66 1.64 12.66
C GLY B 83 19.72 0.16 12.43
N SER B 84 20.70 -0.28 11.63
CA SER B 84 21.11 -1.66 11.70
C SER B 84 22.62 -1.74 11.61
N ILE B 85 23.16 -2.88 12.04
CA ILE B 85 24.57 -3.22 11.89
C ILE B 85 24.65 -4.69 11.48
N PRO B 86 25.75 -5.08 10.81
CA PRO B 86 25.95 -6.51 10.62
C PRO B 86 26.29 -7.21 11.94
N GLU B 87 25.57 -8.27 12.25
CA GLU B 87 25.69 -9.02 13.48
C GLU B 87 26.17 -10.42 13.20
N GLU B 88 27.15 -10.90 13.98
CA GLU B 88 27.58 -12.31 13.92
C GLU B 88 26.99 -13.06 15.10
N ASP B 89 26.48 -14.25 14.84
CA ASP B 89 26.00 -15.14 15.89
C ASP B 89 26.03 -16.57 15.39
N ALA B 90 26.76 -17.43 16.10
CA ALA B 90 26.78 -18.86 15.82
C ALA B 90 27.11 -19.20 14.36
N GLY B 91 28.10 -18.51 13.81
CA GLY B 91 28.56 -18.80 12.47
C GLY B 91 27.69 -18.19 11.38
N LYS B 92 26.66 -17.43 11.78
CA LYS B 92 25.80 -16.76 10.83
C LYS B 92 25.85 -15.25 10.99
N LEU B 93 25.51 -14.55 9.91
CA LEU B 93 25.54 -13.09 9.88
C LEU B 93 24.11 -12.59 9.66
N TYR B 94 23.75 -11.53 10.36
CA TYR B 94 22.43 -10.92 10.22
C TYR B 94 22.53 -9.43 10.02
N ASN B 95 21.44 -8.83 9.54
CA ASN B 95 21.30 -7.36 9.41
C ASN B 95 20.38 -6.95 10.55
N THR B 96 20.93 -6.33 11.60
CA THR B 96 20.24 -6.26 12.89
C THR B 96 20.05 -4.86 13.45
N CYS B 97 18.81 -4.56 13.79
CA CYS B 97 18.42 -3.31 14.44
C CYS B 97 18.22 -3.54 15.93
N SER B 98 19.11 -2.95 16.73
CA SER B 98 19.04 -3.04 18.18
C SER B 98 18.45 -1.74 18.73
N VAL B 99 17.53 -1.87 19.69
CA VAL B 99 16.85 -0.72 20.28
C VAL B 99 17.17 -0.67 21.77
N PHE B 100 17.57 0.51 22.23
CA PHE B 100 17.96 0.73 23.62
C PHE B 100 17.03 1.76 24.22
N GLY B 101 16.63 1.52 25.47
CA GLY B 101 15.74 2.44 26.18
C GLY B 101 16.53 3.49 26.94
N PRO B 102 15.82 4.47 27.56
CA PRO B 102 16.44 5.56 28.30
C PRO B 102 17.35 5.17 29.47
N ASP B 103 17.27 3.92 29.92
CA ASP B 103 18.18 3.39 30.92
C ASP B 103 19.35 2.60 30.32
N GLY B 104 19.44 2.57 28.99
CA GLY B 104 20.51 1.83 28.29
C GLY B 104 20.24 0.36 28.05
N SER B 105 19.07 -0.10 28.47
CA SER B 105 18.68 -1.48 28.31
C SER B 105 18.32 -1.80 26.86
N LEU B 106 18.72 -2.98 26.38
CA LEU B 106 18.20 -3.50 25.11
C LEU B 106 16.74 -3.86 25.27
N LEU B 107 15.90 -3.29 24.42
CA LEU B 107 14.46 -3.53 24.47
C LEU B 107 14.06 -4.62 23.51
N VAL B 108 14.71 -4.66 22.36
CA VAL B 108 14.38 -5.61 21.31
C VAL B 108 15.50 -5.57 20.28
N LYS B 109 15.68 -6.66 19.54
CA LYS B 109 16.61 -6.66 18.41
C LYS B 109 15.89 -7.31 17.23
N HIS B 110 15.82 -6.57 16.14
CA HIS B 110 15.17 -7.01 14.92
C HIS B 110 16.21 -7.40 13.88
N ARG B 111 16.25 -8.68 13.55
CA ARG B 111 17.04 -9.17 12.44
C ARG B 111 16.17 -9.09 11.21
N LYS B 112 16.67 -8.41 10.18
CA LYS B 112 15.96 -8.24 8.91
C LYS B 112 15.33 -9.56 8.48
N ILE B 113 14.02 -9.54 8.22
CA ILE B 113 13.26 -10.79 7.96
C ILE B 113 13.36 -11.19 6.50
N HIS B 114 13.26 -10.19 5.62
CA HIS B 114 13.27 -10.39 4.17
C HIS B 114 14.55 -9.79 3.60
N LEU B 115 15.46 -10.65 3.16
CA LEU B 115 16.74 -10.17 2.70
C LEU B 115 16.66 -9.58 1.30
N PHE B 116 17.54 -8.63 1.05
CA PHE B 116 17.52 -7.78 -0.14
C PHE B 116 18.18 -8.53 -1.31
N ASP B 117 17.35 -9.30 -2.01
CA ASP B 117 17.77 -10.09 -3.16
C ASP B 117 16.97 -9.62 -4.37
N ILE B 118 17.57 -8.76 -5.18
CA ILE B 118 16.91 -8.25 -6.40
C ILE B 118 17.85 -8.26 -7.58
N ASP B 119 17.29 -8.18 -8.78
CA ASP B 119 18.07 -8.06 -10.01
C ASP B 119 17.28 -7.27 -11.04
N VAL B 120 17.58 -5.97 -11.12
CA VAL B 120 17.00 -5.08 -12.09
C VAL B 120 18.09 -4.87 -13.14
N PRO B 121 17.90 -5.45 -14.35
CA PRO B 121 18.92 -5.40 -15.41
C PRO B 121 19.37 -4.00 -15.75
N GLY B 122 20.68 -3.78 -15.77
CA GLY B 122 21.24 -2.49 -16.14
C GLY B 122 21.24 -1.46 -15.03
N LYS B 123 20.73 -1.82 -13.85
CA LYS B 123 20.43 -0.84 -12.80
C LYS B 123 20.97 -1.22 -11.43
N ILE B 124 20.57 -2.38 -10.92
CA ILE B 124 21.02 -2.82 -9.59
C ILE B 124 20.77 -4.31 -9.41
N THR B 125 21.84 -5.01 -9.03
CA THR B 125 21.77 -6.41 -8.64
C THR B 125 22.35 -6.51 -7.24
N PHE B 126 21.59 -7.09 -6.33
CA PHE B 126 22.04 -7.27 -4.94
C PHE B 126 21.54 -8.61 -4.44
N GLN B 127 22.41 -9.33 -3.74
CA GLN B 127 22.06 -10.63 -3.20
C GLN B 127 22.52 -10.70 -1.73
N GLU B 128 21.74 -10.07 -0.86
CA GLU B 128 22.08 -10.01 0.56
C GLU B 128 22.21 -11.38 1.18
N SER B 129 21.43 -12.35 0.68
CA SER B 129 21.50 -13.72 1.15
C SER B 129 22.80 -14.47 0.74
N LYS B 130 23.65 -13.86 -0.09
CA LYS B 130 25.00 -14.43 -0.39
C LYS B 130 25.71 -14.70 0.96
N THR B 131 25.54 -13.75 1.88
CA THR B 131 26.30 -13.74 3.13
C THR B 131 25.45 -13.65 4.39
N LEU B 132 24.27 -13.04 4.30
CA LEU B 132 23.43 -12.87 5.49
C LEU B 132 22.37 -13.95 5.55
N SER B 133 21.87 -14.15 6.77
CA SER B 133 20.76 -15.05 7.09
C SER B 133 19.59 -14.21 7.55
N PRO B 134 18.35 -14.66 7.27
CA PRO B 134 17.17 -13.92 7.68
C PRO B 134 16.77 -14.08 9.16
N GLY B 135 16.11 -13.06 9.68
CA GLY B 135 15.54 -13.10 11.02
C GLY B 135 14.23 -13.87 11.02
N ASP B 136 13.77 -14.26 12.20
CA ASP B 136 12.53 -15.04 12.27
C ASP B 136 11.58 -14.59 13.37
N SER B 137 11.60 -13.30 13.71
CA SER B 137 10.72 -12.77 14.71
C SER B 137 10.22 -11.36 14.40
N PHE B 138 8.99 -11.10 14.82
CA PHE B 138 8.41 -9.77 14.82
C PHE B 138 9.02 -8.99 15.98
N SER B 139 9.21 -7.69 15.78
CA SER B 139 9.93 -6.87 16.75
C SER B 139 9.20 -5.58 17.06
N THR B 140 8.78 -5.46 18.32
CA THR B 140 8.17 -4.24 18.82
C THR B 140 8.82 -3.84 20.14
N PHE B 141 8.63 -2.58 20.50
CA PHE B 141 8.99 -2.12 21.84
C PHE B 141 8.00 -1.05 22.28
N ASP B 142 7.91 -0.88 23.60
CA ASP B 142 6.98 0.03 24.21
C ASP B 142 7.67 1.30 24.68
N THR B 143 6.97 2.42 24.53
CA THR B 143 7.38 3.71 25.08
C THR B 143 6.18 4.23 25.85
N PRO B 144 6.36 5.30 26.62
CA PRO B 144 5.20 5.89 27.31
C PRO B 144 4.12 6.46 26.38
N TYR B 145 4.43 6.63 25.09
CA TYR B 145 3.53 7.28 24.14
C TYR B 145 2.75 6.24 23.36
N CYS B 146 3.44 5.18 22.96
CA CYS B 146 2.86 4.15 22.09
C CYS B 146 3.83 2.99 21.88
N LYS B 147 3.30 1.94 21.27
CA LYS B 147 4.10 0.81 20.85
C LYS B 147 4.64 1.09 19.44
N VAL B 148 5.89 0.68 19.22
CA VAL B 148 6.59 0.89 17.95
C VAL B 148 6.97 -0.47 17.36
N GLY B 149 6.75 -0.63 16.05
CA GLY B 149 7.16 -1.84 15.35
C GLY B 149 8.31 -1.54 14.39
N LEU B 150 9.11 -2.57 14.10
CA LEU B 150 10.37 -2.42 13.35
C LEU B 150 10.48 -3.30 12.12
N GLY B 151 11.01 -2.73 11.04
CA GLY B 151 11.49 -3.51 9.91
C GLY B 151 12.76 -2.87 9.40
N ILE B 152 13.52 -3.60 8.57
CA ILE B 152 14.69 -3.01 7.92
C ILE B 152 14.54 -3.09 6.41
N CYS B 153 14.59 -1.92 5.78
CA CYS B 153 14.66 -1.73 4.34
C CYS B 153 13.71 -2.61 3.55
N TYR B 154 14.21 -3.69 2.92
CA TYR B 154 13.38 -4.56 2.07
C TYR B 154 12.16 -5.10 2.80
N ASP B 155 12.23 -5.19 4.13
CA ASP B 155 11.06 -5.55 4.94
C ASP B 155 9.84 -4.68 4.64
N MET B 156 10.08 -3.44 4.21
CA MET B 156 9.03 -2.49 3.92
C MET B 156 8.20 -2.93 2.70
N ARG B 157 8.71 -3.86 1.89
CA ARG B 157 7.95 -4.33 0.72
C ARG B 157 6.89 -5.37 1.07
N PHE B 158 6.84 -5.79 2.33
CA PHE B 158 5.99 -6.90 2.76
C PHE B 158 4.87 -6.39 3.66
N ALA B 159 3.70 -6.21 3.06
CA ALA B 159 2.57 -5.58 3.70
C ALA B 159 2.21 -6.27 4.99
N GLU B 160 2.37 -7.58 5.00
CA GLU B 160 1.90 -8.40 6.13
C GLU B 160 2.60 -8.06 7.43
N LEU B 161 3.84 -7.60 7.34
N LEU B 161 3.86 -7.61 7.36
CA LEU B 161 4.60 -7.25 8.54
CA LEU B 161 4.59 -7.23 8.57
C LEU B 161 3.95 -6.06 9.25
C LEU B 161 3.89 -6.08 9.26
N ALA B 162 3.56 -5.05 8.48
CA ALA B 162 2.90 -3.86 9.02
C ALA B 162 1.49 -4.19 9.51
N GLN B 163 0.81 -5.10 8.81
CA GLN B 163 -0.53 -5.53 9.24
C GLN B 163 -0.47 -6.19 10.62
N ILE B 164 0.52 -7.05 10.81
CA ILE B 164 0.69 -7.72 12.09
C ILE B 164 1.06 -6.71 13.18
N TYR B 165 1.98 -5.79 12.88
CA TYR B 165 2.31 -4.76 13.87
C TYR B 165 1.10 -3.90 14.27
N ALA B 166 0.24 -3.56 13.30
CA ALA B 166 -0.95 -2.76 13.59
C ALA B 166 -1.92 -3.56 14.47
N GLN B 167 -2.08 -4.85 14.18
CA GLN B 167 -2.91 -5.76 14.99
C GLN B 167 -2.46 -5.73 16.44
N ARG B 168 -1.14 -5.71 16.63
CA ARG B 168 -0.53 -5.81 17.96
C ARG B 168 -0.47 -4.47 18.68
N GLY B 169 -1.03 -3.43 18.08
CA GLY B 169 -1.20 -2.14 18.74
C GLY B 169 -0.16 -1.08 18.40
N CYS B 170 0.74 -1.37 17.46
CA CYS B 170 1.75 -0.39 17.11
C CYS B 170 1.11 0.84 16.48
N GLN B 171 1.59 2.01 16.88
CA GLN B 171 1.11 3.26 16.28
C GLN B 171 2.19 3.97 15.47
N LEU B 172 3.44 3.54 15.60
CA LEU B 172 4.53 4.03 14.77
C LEU B 172 5.33 2.82 14.31
N LEU B 173 5.63 2.78 13.01
CA LEU B 173 6.54 1.79 12.41
C LEU B 173 7.77 2.53 11.94
N VAL B 174 8.95 2.03 12.31
CA VAL B 174 10.21 2.61 11.87
C VAL B 174 10.96 1.58 11.04
N TYR B 175 11.37 1.99 9.83
CA TYR B 175 12.16 1.18 8.92
C TYR B 175 13.50 1.87 8.59
N PRO B 176 14.56 1.55 9.34
CA PRO B 176 15.88 1.95 8.85
C PRO B 176 16.12 1.30 7.50
N GLY B 177 16.63 2.06 6.54
CA GLY B 177 16.82 1.50 5.22
C GLY B 177 17.41 2.47 4.23
N ALA B 178 18.03 1.91 3.18
CA ALA B 178 18.59 2.70 2.09
C ALA B 178 18.07 2.07 0.80
N PHE B 179 17.16 2.74 0.13
CA PHE B 179 16.85 2.40 -1.26
C PHE B 179 17.96 3.02 -2.12
N ASN B 180 17.85 2.89 -3.43
CA ASN B 180 18.92 3.34 -4.33
C ASN B 180 18.34 4.23 -5.41
N LEU B 181 19.14 4.61 -6.40
CA LEU B 181 18.72 5.56 -7.43
C LEU B 181 17.66 5.01 -8.39
N THR B 182 17.47 3.69 -8.36
CA THR B 182 16.41 3.03 -9.15
C THR B 182 15.14 2.80 -8.34
N THR B 183 15.28 2.12 -7.21
CA THR B 183 14.12 1.82 -6.36
C THR B 183 13.65 3.06 -5.59
N GLY B 184 14.53 4.02 -5.35
CA GLY B 184 14.16 5.22 -4.60
C GLY B 184 13.02 6.00 -5.23
N PRO B 185 13.23 6.51 -6.46
CA PRO B 185 12.16 7.31 -7.08
C PRO B 185 10.89 6.51 -7.34
N ALA B 186 11.02 5.23 -7.68
CA ALA B 186 9.87 4.39 -7.97
C ALA B 186 9.03 4.06 -6.73
N HIS B 187 9.70 3.68 -5.65
CA HIS B 187 9.04 2.93 -4.57
C HIS B 187 9.21 3.43 -3.15
N TRP B 188 10.26 4.19 -2.87
CA TRP B 188 10.54 4.56 -1.47
C TRP B 188 9.37 5.26 -0.78
N GLU B 189 8.88 6.34 -1.39
CA GLU B 189 7.78 7.08 -0.76
C GLU B 189 6.48 6.32 -0.83
N LEU B 190 6.21 5.70 -1.97
CA LEU B 190 4.97 4.95 -2.15
C LEU B 190 4.80 3.88 -1.07
N LEU B 191 5.85 3.11 -0.81
CA LEU B 191 5.74 2.00 0.13
C LEU B 191 5.45 2.51 1.52
N GLN B 192 6.16 3.55 1.96
CA GLN B 192 5.92 4.03 3.31
C GLN B 192 4.55 4.68 3.46
N ARG B 193 4.09 5.36 2.42
CA ARG B 193 2.74 5.93 2.45
C ARG B 193 1.69 4.81 2.49
N ALA B 194 1.92 3.73 1.75
CA ALA B 194 1.03 2.56 1.75
C ALA B 194 0.92 1.94 3.13
N ARG B 195 2.07 1.73 3.78
CA ARG B 195 2.06 1.12 5.10
C ARG B 195 1.28 2.01 6.09
N ALA B 196 1.46 3.32 5.97
CA ALA B 196 0.83 4.28 6.87
C ALA B 196 -0.69 4.32 6.68
N VAL B 197 -1.12 4.47 5.43
CA VAL B 197 -2.55 4.67 5.18
C VAL B 197 -3.35 3.37 5.39
N ASP B 198 -2.78 2.23 5.00
CA ASP B 198 -3.50 0.95 5.06
C ASP B 198 -3.71 0.48 6.48
N ASN B 199 -2.72 0.76 7.34
CA ASN B 199 -2.74 0.36 8.73
C ASN B 199 -3.04 1.47 9.73
N GLN B 200 -3.20 2.69 9.21
CA GLN B 200 -3.50 3.87 10.00
C GLN B 200 -2.51 4.08 11.12
N VAL B 201 -1.23 4.10 10.72
CA VAL B 201 -0.12 4.30 11.64
C VAL B 201 0.80 5.36 11.08
N TYR B 202 1.63 5.95 11.96
CA TYR B 202 2.78 6.72 11.50
C TYR B 202 3.86 5.77 11.01
N VAL B 203 4.54 6.18 9.95
CA VAL B 203 5.66 5.41 9.40
C VAL B 203 6.85 6.35 9.20
N ALA B 204 8.03 5.89 9.63
CA ALA B 204 9.25 6.67 9.46
C ALA B 204 10.33 5.81 8.84
N THR B 205 11.10 6.41 7.95
CA THR B 205 12.26 5.74 7.35
C THR B 205 13.52 6.51 7.66
N ALA B 206 14.58 5.79 8.03
CA ALA B 206 15.87 6.39 8.35
C ALA B 206 16.89 5.84 7.39
N SER B 207 17.28 6.68 6.44
CA SER B 207 18.27 6.35 5.42
C SER B 207 19.61 7.00 5.74
N PRO B 208 20.73 6.36 5.33
CA PRO B 208 21.97 7.08 5.34
C PRO B 208 21.91 8.21 4.31
N ALA B 209 22.82 9.17 4.45
CA ALA B 209 22.99 10.20 3.42
C ALA B 209 23.58 9.55 2.17
N ARG B 210 23.31 10.17 1.02
CA ARG B 210 23.85 9.67 -0.23
C ARG B 210 25.35 9.91 -0.31
N ASP B 211 26.08 8.86 -0.71
CA ASP B 211 27.49 8.97 -1.08
C ASP B 211 27.62 8.41 -2.48
N ASP B 212 27.82 9.29 -3.45
CA ASP B 212 27.90 8.92 -4.86
C ASP B 212 29.10 8.03 -5.20
N LYS B 213 30.06 7.94 -4.29
CA LYS B 213 31.22 7.07 -4.48
C LYS B 213 31.09 5.69 -3.83
N ALA B 214 30.07 5.47 -3.02
CA ALA B 214 29.88 4.19 -2.35
C ALA B 214 29.53 3.14 -3.38
N SER B 215 29.77 1.86 -3.06
CA SER B 215 29.35 0.80 -3.98
C SER B 215 27.84 0.71 -4.09
N TYR B 216 27.12 0.99 -2.99
CA TYR B 216 25.66 1.07 -2.99
C TYR B 216 25.31 2.53 -2.69
N VAL B 217 24.72 3.20 -3.68
CA VAL B 217 24.43 4.62 -3.56
C VAL B 217 23.02 4.84 -3.00
N ALA B 218 22.95 5.33 -1.77
CA ALA B 218 21.68 5.49 -1.07
C ALA B 218 20.84 6.61 -1.64
N TRP B 219 19.54 6.35 -1.73
CA TRP B 219 18.55 7.33 -2.19
C TRP B 219 18.52 8.55 -1.25
N GLY B 220 18.59 8.29 0.04
CA GLY B 220 18.41 9.34 1.04
C GLY B 220 16.94 9.56 1.34
N HIS B 221 16.59 10.81 1.59
CA HIS B 221 15.19 11.19 1.72
C HIS B 221 14.48 10.46 2.86
N SER B 222 15.12 10.39 4.03
CA SER B 222 14.42 9.94 5.24
C SER B 222 13.10 10.71 5.33
N THR B 223 12.04 10.01 5.70
CA THR B 223 10.68 10.55 5.60
C THR B 223 9.83 10.11 6.81
N VAL B 224 8.87 10.96 7.19
CA VAL B 224 7.81 10.57 8.13
C VAL B 224 6.47 10.78 7.45
N VAL B 225 5.60 9.77 7.56
CA VAL B 225 4.26 9.78 6.96
C VAL B 225 3.23 9.57 8.08
N ASP B 226 2.10 10.28 7.99
CA ASP B 226 1.04 10.16 8.99
C ASP B 226 -0.02 9.13 8.57
N PRO B 227 -0.94 8.79 9.48
CA PRO B 227 -1.95 7.76 9.16
C PRO B 227 -2.94 8.09 8.04
N TRP B 228 -2.93 9.32 7.57
CA TRP B 228 -3.72 9.75 6.41
C TRP B 228 -2.94 9.51 5.12
N GLY B 229 -1.71 9.00 5.25
CA GLY B 229 -0.83 8.80 4.10
C GLY B 229 -0.11 10.06 3.66
N GLN B 230 -0.17 11.12 4.48
CA GLN B 230 0.43 12.40 4.14
C GLN B 230 1.89 12.44 4.61
N VAL B 231 2.79 12.83 3.73
CA VAL B 231 4.17 13.08 4.12
C VAL B 231 4.22 14.29 5.06
N LEU B 232 4.73 14.07 6.27
CA LEU B 232 4.85 15.15 7.25
C LEU B 232 6.14 15.93 7.06
N THR B 233 7.22 15.22 6.79
CA THR B 233 8.50 15.84 6.55
C THR B 233 9.41 14.85 5.82
N LYS B 234 10.36 15.40 5.07
CA LYS B 234 11.20 14.59 4.19
C LYS B 234 12.54 15.29 4.06
N ALA B 235 13.61 14.53 4.29
CA ALA B 235 14.97 15.03 4.13
C ALA B 235 15.34 15.13 2.65
N GLY B 236 16.49 15.77 2.41
CA GLY B 236 17.14 15.71 1.11
C GLY B 236 18.03 14.49 1.01
N THR B 237 19.13 14.63 0.25
CA THR B 237 20.13 13.54 0.10
C THR B 237 21.31 13.67 1.05
N GLU B 238 21.51 14.87 1.60
CA GLU B 238 22.66 15.19 2.43
C GLU B 238 22.48 14.75 3.88
N GLU B 239 23.58 14.71 4.63
CA GLU B 239 23.51 14.40 6.05
C GLU B 239 22.69 15.46 6.78
N THR B 240 21.78 15.00 7.62
CA THR B 240 20.95 15.90 8.44
C THR B 240 20.32 15.10 9.58
N ILE B 241 19.72 15.82 10.52
CA ILE B 241 18.81 15.22 11.47
C ILE B 241 17.42 15.74 11.15
N LEU B 242 16.47 14.84 10.91
CA LEU B 242 15.10 15.19 10.55
C LEU B 242 14.25 15.01 11.80
N TYR B 243 13.47 16.04 12.14
CA TYR B 243 12.64 16.00 13.32
C TYR B 243 11.18 16.03 12.92
N SER B 244 10.35 15.30 13.66
CA SER B 244 8.90 15.35 13.49
C SER B 244 8.23 15.17 14.84
N ASP B 245 7.23 16.00 15.12
CA ASP B 245 6.43 15.83 16.31
C ASP B 245 5.25 14.95 15.94
N ILE B 246 5.22 13.74 16.51
CA ILE B 246 4.24 12.72 16.17
C ILE B 246 3.01 12.91 17.06
N ASP B 247 1.87 13.21 16.42
CA ASP B 247 0.64 13.60 17.11
C ASP B 247 -0.30 12.39 17.16
N LEU B 248 -0.33 11.70 18.29
CA LEU B 248 -1.14 10.50 18.40
C LEU B 248 -2.64 10.80 18.54
N LYS B 249 -2.98 12.02 18.94
CA LYS B 249 -4.40 12.44 18.90
C LYS B 249 -4.91 12.47 17.46
N LYS B 250 -4.08 12.94 16.53
CA LYS B 250 -4.43 12.96 15.11
C LYS B 250 -4.65 11.55 14.58
N LEU B 251 -3.79 10.62 14.97
CA LEU B 251 -3.97 9.22 14.60
C LEU B 251 -5.33 8.72 15.08
N ALA B 252 -5.68 9.01 16.33
CA ALA B 252 -6.93 8.55 16.88
C ALA B 252 -8.12 9.13 16.10
N GLU B 253 -8.01 10.39 15.71
CA GLU B 253 -9.11 11.04 14.97
C GLU B 253 -9.25 10.42 13.58
N ILE B 254 -8.15 10.18 12.90
CA ILE B 254 -8.18 9.53 11.58
C ILE B 254 -8.84 8.15 11.65
N ARG B 255 -8.50 7.38 12.69
CA ARG B 255 -9.05 6.04 12.89
C ARG B 255 -10.55 6.05 13.17
N GLN B 256 -11.07 7.19 13.60
CA GLN B 256 -12.53 7.39 13.74
C GLN B 256 -13.20 7.86 12.47
N GLN B 257 -12.55 8.74 11.72
CA GLN B 257 -13.12 9.33 10.52
C GLN B 257 -13.28 8.31 9.40
N ILE B 258 -12.25 7.50 9.20
CA ILE B 258 -12.29 6.46 8.15
C ILE B 258 -11.89 5.18 8.85
N PRO B 259 -12.85 4.53 9.52
CA PRO B 259 -12.51 3.52 10.52
C PRO B 259 -12.24 2.12 9.98
N ILE B 260 -11.30 2.03 9.06
CA ILE B 260 -11.03 0.78 8.38
C ILE B 260 -10.55 -0.34 9.29
N LEU B 261 -9.84 -0.02 10.36
CA LEU B 261 -9.38 -1.08 11.26
C LEU B 261 -10.55 -1.74 11.99
N LYS B 262 -11.65 -1.01 12.16
CA LYS B 262 -12.87 -1.52 12.76
C LYS B 262 -13.82 -2.17 11.75
N GLN B 263 -13.51 -2.03 10.47
CA GLN B 263 -14.39 -2.51 9.41
C GLN B 263 -13.86 -3.74 8.68
N LYS B 264 -12.78 -4.33 9.19
CA LYS B 264 -12.24 -5.55 8.61
C LYS B 264 -13.26 -6.67 8.69
N ARG B 265 -13.27 -7.52 7.68
CA ARG B 265 -14.21 -8.63 7.62
C ARG B 265 -13.51 -9.92 8.02
N ALA B 266 -13.45 -10.15 9.33
CA ALA B 266 -12.76 -11.32 9.89
C ALA B 266 -13.42 -12.65 9.53
N ASP B 267 -14.68 -12.61 9.11
CA ASP B 267 -15.35 -13.79 8.55
C ASP B 267 -14.88 -14.17 7.16
N LEU B 268 -14.20 -13.25 6.46
CA LEU B 268 -13.73 -13.51 5.12
C LEU B 268 -12.21 -13.68 5.02
N TYR B 269 -11.47 -12.93 5.84
CA TYR B 269 -10.01 -12.96 5.77
C TYR B 269 -9.39 -12.61 7.11
N THR B 270 -8.16 -13.10 7.32
CA THR B 270 -7.37 -12.69 8.49
C THR B 270 -5.91 -12.74 8.12
N VAL B 271 -5.11 -11.89 8.75
CA VAL B 271 -3.67 -11.99 8.65
C VAL B 271 -3.18 -12.70 9.92
N GLU B 272 -2.67 -13.90 9.72
CA GLU B 272 -2.32 -14.83 10.80
C GLU B 272 -0.81 -14.74 11.01
N SER B 273 -0.37 -14.74 12.27
CA SER B 273 1.06 -14.66 12.57
C SER B 273 1.50 -15.83 13.43
N LYS B 274 2.78 -16.14 13.35
CA LYS B 274 3.43 -17.06 14.30
C LYS B 274 3.62 -16.40 15.66
#